data_4D0O
#
_entry.id   4D0O
#
_cell.length_a   52.130
_cell.length_b   94.840
_cell.length_c   109.000
_cell.angle_alpha   90.00
_cell.angle_beta   90.00
_cell.angle_gamma   90.00
#
_symmetry.space_group_name_H-M   'P 21 21 21'
#
_entity_poly.entity_id   1
_entity_poly.type   'polypeptide(L)'
_entity_poly.pdbx_seq_one_letter_code
;ENLYFQSMEAESWSRIIDSKFLKQQKKDVVKRQEVIYELMQTEFHHVRTLKIMSGVYSQGMMADLLFEQQMVEKLFPCLD
ELISIHSQFFQRILERKKESLVDKSEKNFLIKRIGDVLVNQFSGENAERLKKTYGKFCGQHNQSVNYFKDLYAKDKRFQA
FVKKKMSSSVVRRLGIPECILLVTQRITKYPVLFQRILQCTKDNEVEQEDLAQSLSLVKDVIGAVDSKVASYEKKVRLNE
IYTK
;
_entity_poly.pdbx_strand_id   A,B
#
# COMPACT_ATOMS: atom_id res chain seq x y z
N GLU A 1 -12.11 22.44 7.75
CA GLU A 1 -13.61 22.37 7.85
C GLU A 1 -14.07 21.11 8.58
N ASN A 2 -15.36 21.08 8.91
CA ASN A 2 -15.92 20.07 9.79
C ASN A 2 -16.19 18.77 9.06
N LEU A 3 -15.99 17.65 9.75
CA LEU A 3 -16.03 16.34 9.10
C LEU A 3 -17.43 15.93 8.65
N TYR A 4 -18.44 16.15 9.48
CA TYR A 4 -19.82 15.86 9.08
C TYR A 4 -20.24 16.66 7.85
N PHE A 5 -19.84 17.93 7.84
CA PHE A 5 -20.11 18.82 6.71
C PHE A 5 -19.39 18.30 5.48
N GLN A 6 -18.13 17.91 5.67
CA GLN A 6 -17.34 17.27 4.61
C GLN A 6 -18.04 16.00 4.09
N SER A 7 -18.56 15.17 4.99
CA SER A 7 -19.24 13.93 4.59
C SER A 7 -20.54 14.22 3.84
N MET A 8 -21.28 15.25 4.26
CA MET A 8 -22.52 15.63 3.56
C MET A 8 -22.23 16.15 2.16
N GLU A 9 -21.13 16.88 2.01
CA GLU A 9 -20.69 17.35 0.70
C GLU A 9 -20.26 16.17 -0.19
N ALA A 10 -19.65 15.16 0.41
CA ALA A 10 -19.30 13.93 -0.29
C ALA A 10 -20.54 13.12 -0.66
N GLU A 11 -21.44 12.91 0.30
CA GLU A 11 -22.66 12.16 0.05
C GLU A 11 -23.49 12.82 -1.05
N SER A 12 -23.46 14.15 -1.09
CA SER A 12 -24.17 14.92 -2.09
C SER A 12 -23.56 14.69 -3.46
N TRP A 13 -22.23 14.75 -3.54
CA TRP A 13 -21.51 14.46 -4.78
C TRP A 13 -21.89 13.09 -5.34
N SER A 14 -21.91 12.07 -4.48
CA SER A 14 -22.19 10.70 -4.91
C SER A 14 -23.61 10.49 -5.42
N ARG A 15 -24.57 11.28 -4.95
CA ARG A 15 -25.95 11.20 -5.43
C ARG A 15 -26.03 11.48 -6.93
N ILE A 16 -25.11 12.31 -7.42
CA ILE A 16 -25.06 12.69 -8.85
C ILE A 16 -24.39 11.64 -9.74
N ILE A 17 -23.58 10.77 -9.17
CA ILE A 17 -23.03 9.62 -9.91
C ILE A 17 -24.12 8.60 -10.24
N ASP A 18 -25.06 8.41 -9.31
CA ASP A 18 -26.20 7.51 -9.53
C ASP A 18 -27.31 8.16 -10.40
N SER A 19 -27.24 9.48 -10.57
CA SER A 19 -28.32 10.24 -11.20
C SER A 19 -28.57 9.92 -12.67
N LYS A 20 -29.78 10.26 -13.12
CA LYS A 20 -30.15 10.11 -14.51
C LYS A 20 -29.55 11.24 -15.34
N PHE A 21 -29.34 12.40 -14.71
CA PHE A 21 -28.66 13.54 -15.35
C PHE A 21 -27.32 13.13 -15.93
N LEU A 22 -26.49 12.51 -15.10
CA LEU A 22 -25.16 12.09 -15.51
C LEU A 22 -25.23 10.92 -16.50
N LYS A 23 -26.03 9.91 -16.17
CA LYS A 23 -26.09 8.68 -16.97
C LYS A 23 -26.53 8.95 -18.43
N GLN A 24 -27.00 10.16 -18.70
CA GLN A 24 -27.49 10.58 -20.01
C GLN A 24 -26.60 11.67 -20.63
N GLN A 25 -25.35 11.75 -20.15
CA GLN A 25 -24.29 12.51 -20.80
C GLN A 25 -23.55 11.56 -21.73
N LYS A 26 -22.59 12.08 -22.49
CA LYS A 26 -21.74 11.25 -23.37
C LYS A 26 -20.86 10.31 -22.55
N LYS A 27 -20.46 9.19 -23.17
CA LYS A 27 -19.70 8.15 -22.48
C LYS A 27 -18.39 8.66 -21.88
N ASP A 28 -17.66 9.46 -22.65
CA ASP A 28 -16.37 10.01 -22.21
C ASP A 28 -16.52 10.99 -21.03
N VAL A 29 -17.64 11.69 -20.98
CA VAL A 29 -17.93 12.63 -19.88
C VAL A 29 -18.32 11.86 -18.62
N VAL A 30 -19.20 10.87 -18.77
CA VAL A 30 -19.59 9.99 -17.67
C VAL A 30 -18.37 9.35 -17.01
N LYS A 31 -17.44 8.88 -17.84
CA LYS A 31 -16.24 8.21 -17.36
C LYS A 31 -15.33 9.22 -16.63
N ARG A 32 -15.16 10.40 -17.20
CA ARG A 32 -14.33 11.44 -16.59
C ARG A 32 -14.88 11.91 -15.23
N GLN A 33 -16.19 12.14 -15.16
CA GLN A 33 -16.83 12.54 -13.90
C GLN A 33 -16.77 11.43 -12.85
N GLU A 34 -16.78 10.19 -13.32
CA GLU A 34 -16.72 9.00 -12.44
C GLU A 34 -15.35 8.85 -11.79
N VAL A 35 -14.29 9.19 -12.53
CA VAL A 35 -12.94 9.12 -11.98
C VAL A 35 -12.64 10.28 -11.04
N ILE A 36 -13.16 11.46 -11.36
CA ILE A 36 -13.00 12.62 -10.49
C ILE A 36 -13.73 12.40 -9.17
N TYR A 37 -14.89 11.75 -9.25
CA TYR A 37 -15.61 11.33 -8.06
C TYR A 37 -14.71 10.47 -7.17
N GLU A 38 -14.09 9.46 -7.78
CA GLU A 38 -13.25 8.51 -7.06
C GLU A 38 -12.15 9.20 -6.28
N LEU A 39 -11.49 10.18 -6.91
CA LEU A 39 -10.48 10.97 -6.23
C LEU A 39 -11.02 11.66 -5.00
N MET A 40 -12.22 12.23 -5.11
CA MET A 40 -12.84 12.95 -4.00
C MET A 40 -13.21 11.98 -2.89
N GLN A 41 -14.00 10.97 -3.23
CA GLN A 41 -14.47 9.98 -2.25
C GLN A 41 -13.31 9.35 -1.47
N THR A 42 -12.22 9.00 -2.13
CA THR A 42 -11.10 8.36 -1.44
C THR A 42 -10.30 9.36 -0.61
N GLU A 43 -10.35 10.64 -1.00
CA GLU A 43 -9.71 11.69 -0.22
C GLU A 43 -10.51 11.94 1.06
N PHE A 44 -11.82 11.80 0.96
CA PHE A 44 -12.67 11.92 2.13
C PHE A 44 -12.39 10.79 3.12
N HIS A 45 -12.21 9.57 2.61
CA HIS A 45 -11.92 8.43 3.46
C HIS A 45 -10.57 8.57 4.13
N HIS A 46 -9.61 9.11 3.40
CA HIS A 46 -8.30 9.38 3.96
C HIS A 46 -8.41 10.38 5.10
N VAL A 47 -9.13 11.47 4.88
CA VAL A 47 -9.35 12.47 5.92
C VAL A 47 -10.09 11.85 7.12
N ARG A 48 -11.07 10.99 6.84
CA ARG A 48 -11.79 10.31 7.92
C ARG A 48 -10.87 9.42 8.75
N THR A 49 -10.03 8.64 8.06
CA THR A 49 -9.05 7.77 8.73
C THR A 49 -8.13 8.58 9.62
N LEU A 50 -7.63 9.71 9.11
CA LEU A 50 -6.71 10.55 9.88
C LEU A 50 -7.38 11.09 11.15
N LYS A 51 -8.63 11.55 11.00
CA LYS A 51 -9.33 12.18 12.12
C LYS A 51 -9.80 11.16 13.16
N ILE A 52 -10.05 9.93 12.73
CA ILE A 52 -10.27 8.84 13.67
C ILE A 52 -8.98 8.55 14.45
N MET A 53 -7.85 8.49 13.75
CA MET A 53 -6.57 8.28 14.41
C MET A 53 -6.31 9.33 15.46
N SER A 54 -6.62 10.58 15.12
CA SER A 54 -6.36 11.70 16.00
C SER A 54 -7.40 11.80 17.10
N GLY A 55 -8.67 11.87 16.71
CA GLY A 55 -9.76 12.14 17.65
C GLY A 55 -10.13 11.00 18.58
N VAL A 56 -9.93 9.76 18.12
CA VAL A 56 -10.29 8.59 18.92
C VAL A 56 -9.07 7.99 19.61
N TYR A 57 -8.11 7.51 18.82
CA TYR A 57 -6.97 6.77 19.38
C TYR A 57 -5.99 7.68 20.07
N SER A 58 -5.50 8.67 19.34
CA SER A 58 -4.48 9.58 19.84
C SER A 58 -4.96 10.38 21.06
N GLN A 59 -6.13 11.01 20.92
CA GLN A 59 -6.71 11.79 22.02
C GLN A 59 -7.04 10.89 23.21
N GLY A 60 -7.46 9.66 22.92
CA GLY A 60 -7.83 8.70 23.95
C GLY A 60 -6.64 8.24 24.78
N MET A 61 -5.51 8.02 24.13
CA MET A 61 -4.30 7.61 24.82
C MET A 61 -3.87 8.65 25.83
N MET A 62 -3.87 9.90 25.40
CA MET A 62 -3.48 11.01 26.28
C MET A 62 -4.47 11.21 27.42
N ALA A 63 -5.76 11.15 27.11
CA ALA A 63 -6.82 11.40 28.09
C ALA A 63 -6.99 10.27 29.08
N ASP A 64 -7.02 9.03 28.60
CA ASP A 64 -7.31 7.87 29.44
C ASP A 64 -6.05 7.22 30.00
N LEU A 65 -5.07 6.98 29.14
CA LEU A 65 -3.84 6.26 29.54
C LEU A 65 -2.69 7.17 29.97
N LEU A 66 -2.89 8.49 29.90
CA LEU A 66 -1.89 9.47 30.32
C LEU A 66 -0.59 9.40 29.52
N PHE A 67 -0.70 9.09 28.24
CA PHE A 67 0.44 9.17 27.34
C PHE A 67 0.87 10.62 27.23
N GLU A 68 2.16 10.84 27.02
CA GLU A 68 2.69 12.18 26.80
C GLU A 68 2.44 12.56 25.35
N GLN A 69 2.64 13.84 25.05
CA GLN A 69 2.57 14.34 23.68
C GLN A 69 3.59 13.66 22.77
N GLN A 70 4.71 13.22 23.36
CA GLN A 70 5.82 12.67 22.59
C GLN A 70 5.62 11.20 22.24
N MET A 71 5.10 10.42 23.18
CA MET A 71 4.80 8.99 22.94
C MET A 71 3.78 8.84 21.79
N VAL A 72 2.89 9.82 21.68
CA VAL A 72 1.89 9.85 20.62
C VAL A 72 2.48 10.27 19.27
N GLU A 73 3.44 11.18 19.30
CA GLU A 73 4.20 11.55 18.10
C GLU A 73 5.03 10.35 17.58
N LYS A 74 5.44 9.47 18.49
CA LYS A 74 6.10 8.22 18.11
C LYS A 74 5.17 7.32 17.30
N LEU A 75 3.94 7.11 17.79
CA LEU A 75 2.96 6.31 17.05
C LEU A 75 2.49 7.01 15.77
N PHE A 76 2.12 8.30 15.88
CA PHE A 76 1.46 9.04 14.80
C PHE A 76 2.18 10.33 14.45
N PRO A 77 3.34 10.22 13.80
CA PRO A 77 4.09 11.45 13.51
C PRO A 77 3.43 12.34 12.45
N CYS A 78 3.42 13.65 12.73
CA CYS A 78 2.89 14.68 11.82
C CYS A 78 1.38 14.55 11.55
N LEU A 79 0.65 13.99 12.49
CA LEU A 79 -0.77 13.71 12.28
C LEU A 79 -1.59 15.00 12.14
N ASP A 80 -1.33 15.99 12.99
CA ASP A 80 -2.00 17.29 12.91
C ASP A 80 -1.77 17.93 11.53
N GLU A 81 -0.52 17.86 11.08
CA GLU A 81 -0.14 18.40 9.78
C GLU A 81 -0.89 17.70 8.64
N LEU A 82 -0.88 16.36 8.64
CA LEU A 82 -1.57 15.60 7.62
C LEU A 82 -3.06 16.00 7.55
N ILE A 83 -3.69 16.11 8.71
CA ILE A 83 -5.10 16.47 8.77
C ILE A 83 -5.32 17.85 8.14
N SER A 84 -4.44 18.78 8.46
CA SER A 84 -4.51 20.12 7.88
C SER A 84 -4.38 20.07 6.36
N ILE A 85 -3.38 19.32 5.88
CA ILE A 85 -3.10 19.26 4.45
C ILE A 85 -4.27 18.69 3.66
N HIS A 86 -4.75 17.53 4.08
CA HIS A 86 -5.75 16.79 3.32
C HIS A 86 -7.17 17.36 3.45
N SER A 87 -7.50 17.94 4.60
CA SER A 87 -8.76 18.68 4.73
C SER A 87 -8.79 19.87 3.79
N GLN A 88 -7.66 20.59 3.73
CA GLN A 88 -7.55 21.75 2.86
C GLN A 88 -7.58 21.33 1.40
N PHE A 89 -6.86 20.26 1.08
CA PHE A 89 -6.88 19.73 -0.28
C PHE A 89 -8.31 19.33 -0.64
N PHE A 90 -8.98 18.66 0.28
CA PHE A 90 -10.36 18.23 0.10
C PHE A 90 -11.33 19.41 -0.06
N GLN A 91 -11.07 20.49 0.66
CA GLN A 91 -11.89 21.70 0.51
C GLN A 91 -11.77 22.30 -0.89
N ARG A 92 -10.53 22.47 -1.35
CA ARG A 92 -10.30 22.99 -2.71
C ARG A 92 -11.09 22.21 -3.76
N ILE A 93 -11.19 20.89 -3.57
CA ILE A 93 -11.92 20.03 -4.51
C ILE A 93 -13.41 20.34 -4.47
N LEU A 94 -13.94 20.51 -3.26
CA LEU A 94 -15.36 20.85 -3.10
C LEU A 94 -15.65 22.26 -3.62
N GLU A 95 -14.80 23.21 -3.27
CA GLU A 95 -14.88 24.56 -3.81
C GLU A 95 -14.98 24.55 -5.33
N ARG A 96 -14.30 23.61 -5.98
CA ARG A 96 -14.39 23.47 -7.43
C ARG A 96 -15.73 22.91 -7.90
N LYS A 97 -16.30 21.97 -7.14
CA LYS A 97 -17.64 21.45 -7.43
C LYS A 97 -18.68 22.57 -7.35
N LYS A 98 -18.57 23.40 -6.32
CA LYS A 98 -19.51 24.50 -6.10
C LYS A 98 -19.54 25.53 -7.24
N GLU A 99 -18.46 25.65 -8.01
CA GLU A 99 -18.42 26.56 -9.17
C GLU A 99 -18.59 25.82 -10.51
N SER A 100 -19.06 24.58 -10.46
CA SER A 100 -19.23 23.78 -11.68
C SER A 100 -20.68 23.35 -11.91
N LEU A 101 -21.63 24.10 -11.34
CA LEU A 101 -23.05 23.84 -11.59
C LEU A 101 -23.41 24.14 -13.05
N VAL A 102 -24.43 23.45 -13.55
CA VAL A 102 -24.88 23.57 -14.93
C VAL A 102 -26.27 24.22 -14.95
N ASP A 103 -26.53 25.06 -15.95
CA ASP A 103 -27.83 25.75 -16.09
C ASP A 103 -28.24 26.46 -14.80
N LYS A 107 -29.54 19.20 -7.91
CA LYS A 107 -28.56 20.21 -8.27
C LYS A 107 -27.42 19.57 -9.07
N ASN A 108 -27.38 19.86 -10.36
CA ASN A 108 -26.53 19.13 -11.30
C ASN A 108 -25.28 19.90 -11.69
N PHE A 109 -24.13 19.28 -11.50
CA PHE A 109 -22.83 19.88 -11.80
C PHE A 109 -22.01 18.95 -12.69
N LEU A 110 -20.92 19.50 -13.21
CA LEU A 110 -20.05 18.77 -14.13
C LEU A 110 -18.65 19.40 -14.06
N ILE A 111 -17.69 18.71 -13.43
CA ILE A 111 -16.34 19.27 -13.27
C ILE A 111 -15.62 19.19 -14.60
N LYS A 112 -15.44 20.33 -15.25
CA LYS A 112 -14.71 20.41 -16.52
C LYS A 112 -13.23 20.72 -16.31
N ARG A 113 -12.85 21.05 -15.08
CA ARG A 113 -11.51 21.55 -14.80
C ARG A 113 -11.10 21.30 -13.34
N ILE A 114 -10.19 20.35 -13.15
CA ILE A 114 -9.62 20.03 -11.83
C ILE A 114 -8.08 20.01 -11.80
N GLY A 115 -7.43 20.24 -12.94
CA GLY A 115 -5.97 20.11 -13.04
C GLY A 115 -5.22 21.17 -12.26
N ASP A 116 -5.70 22.41 -12.34
CA ASP A 116 -5.13 23.52 -11.58
C ASP A 116 -5.12 23.26 -10.06
N VAL A 117 -6.16 22.59 -9.57
CA VAL A 117 -6.27 22.27 -8.14
C VAL A 117 -5.20 21.26 -7.72
N LEU A 118 -4.94 20.30 -8.59
CA LEU A 118 -3.96 19.25 -8.33
C LEU A 118 -2.54 19.80 -8.43
N VAL A 119 -2.29 20.61 -9.45
CA VAL A 119 -0.97 21.21 -9.64
C VAL A 119 -0.62 22.07 -8.43
N ASN A 120 -1.57 22.91 -8.02
CA ASN A 120 -1.37 23.73 -6.82
C ASN A 120 -0.96 22.91 -5.61
N GLN A 121 -1.67 21.82 -5.39
CA GLN A 121 -1.45 20.97 -4.22
C GLN A 121 -0.08 20.27 -4.22
N PHE A 122 0.45 19.95 -5.39
CA PHE A 122 1.70 19.20 -5.46
C PHE A 122 2.85 20.01 -6.04
N SER A 123 2.83 21.32 -5.83
CA SER A 123 3.96 22.16 -6.22
C SER A 123 4.31 23.14 -5.12
N GLY A 124 5.44 23.82 -5.29
CA GLY A 124 5.94 24.79 -4.33
C GLY A 124 5.98 24.26 -2.91
N GLU A 125 5.56 25.09 -1.96
CA GLU A 125 5.64 24.78 -0.54
C GLU A 125 4.63 23.72 -0.11
N ASN A 126 3.59 23.51 -0.90
CA ASN A 126 2.65 22.43 -0.64
C ASN A 126 3.30 21.08 -0.85
N ALA A 127 4.05 20.96 -1.94
CA ALA A 127 4.83 19.76 -2.24
C ALA A 127 5.89 19.51 -1.17
N GLU A 128 6.57 20.57 -0.74
CA GLU A 128 7.62 20.43 0.28
C GLU A 128 7.05 20.01 1.62
N ARG A 129 5.83 20.41 1.90
CA ARG A 129 5.17 20.06 3.13
C ARG A 129 4.81 18.58 3.10
N LEU A 130 4.34 18.09 1.96
CA LEU A 130 4.00 16.67 1.80
C LEU A 130 5.23 15.78 1.91
N LYS A 131 6.32 16.20 1.30
CA LYS A 131 7.57 15.44 1.34
C LYS A 131 8.03 15.21 2.76
N LYS A 132 8.12 16.28 3.54
CA LYS A 132 8.56 16.20 4.93
C LYS A 132 7.55 15.42 5.79
N THR A 133 6.26 15.67 5.55
CA THR A 133 5.20 15.04 6.32
C THR A 133 5.21 13.52 6.16
N TYR A 134 5.14 13.05 4.91
CA TYR A 134 5.08 11.62 4.64
C TYR A 134 6.41 10.93 4.81
N GLY A 135 7.50 11.57 4.41
CA GLY A 135 8.83 11.02 4.62
C GLY A 135 8.98 10.61 6.07
N LYS A 136 8.46 11.44 6.97
CA LYS A 136 8.53 11.16 8.39
C LYS A 136 7.56 10.05 8.77
N PHE A 137 6.29 10.18 8.41
CA PHE A 137 5.28 9.17 8.73
C PHE A 137 5.60 7.80 8.12
N CYS A 138 6.00 7.80 6.86
CA CYS A 138 6.36 6.56 6.16
C CYS A 138 7.70 5.98 6.63
N GLY A 139 8.55 6.79 7.24
CA GLY A 139 9.83 6.32 7.78
C GLY A 139 9.66 5.67 9.15
N GLN A 140 8.90 6.35 10.00
CA GLN A 140 8.54 5.88 11.35
C GLN A 140 7.42 4.83 11.28
N HIS A 141 6.79 4.74 10.11
CA HIS A 141 5.84 3.68 9.74
C HIS A 141 5.99 2.35 10.49
N ASN A 142 7.04 1.58 10.19
CA ASN A 142 7.17 0.23 10.75
C ASN A 142 7.50 0.18 12.24
N GLN A 143 8.20 1.19 12.74
CA GLN A 143 8.50 1.27 14.16
C GLN A 143 7.23 1.45 14.99
N SER A 144 6.32 2.25 14.48
CA SER A 144 5.07 2.55 15.20
C SER A 144 4.14 1.35 15.29
N VAL A 145 4.03 0.59 14.20
CA VAL A 145 3.23 -0.63 14.22
C VAL A 145 3.80 -1.63 15.22
N ASN A 146 5.12 -1.81 15.20
CA ASN A 146 5.78 -2.68 16.17
C ASN A 146 5.60 -2.17 17.59
N TYR A 147 5.76 -0.86 17.76
CA TYR A 147 5.53 -0.24 19.06
C TYR A 147 4.10 -0.48 19.56
N PHE A 148 3.13 -0.40 18.65
CA PHE A 148 1.74 -0.71 19.00
C PHE A 148 1.61 -2.16 19.46
N LYS A 149 2.15 -3.08 18.67
CA LYS A 149 2.08 -4.52 18.97
C LYS A 149 2.84 -4.89 20.23
N ASP A 150 3.96 -4.22 20.46
CA ASP A 150 4.70 -4.37 21.71
C ASP A 150 3.83 -3.97 22.91
N LEU A 151 3.18 -2.81 22.81
CA LEU A 151 2.30 -2.31 23.89
C LEU A 151 1.10 -3.22 24.16
N TYR A 152 0.51 -3.76 23.10
CA TYR A 152 -0.68 -4.60 23.23
C TYR A 152 -0.36 -5.90 23.99
N ALA A 153 0.77 -6.51 23.66
CA ALA A 153 1.19 -7.75 24.32
C ALA A 153 1.62 -7.56 25.77
N LYS A 154 2.14 -6.37 26.09
CA LYS A 154 2.72 -6.11 27.41
C LYS A 154 1.77 -5.39 28.36
N ASP A 155 1.37 -4.18 28.01
CA ASP A 155 0.53 -3.34 28.87
C ASP A 155 -0.94 -3.77 28.78
N LYS A 156 -1.47 -4.28 29.89
CA LYS A 156 -2.85 -4.77 29.95
C LYS A 156 -3.85 -3.62 29.88
N ARG A 157 -3.43 -2.45 30.36
CA ARG A 157 -4.30 -1.26 30.38
C ARG A 157 -4.49 -0.72 28.94
N PHE A 158 -3.42 -0.76 28.15
CA PHE A 158 -3.51 -0.43 26.73
C PHE A 158 -4.31 -1.49 25.97
N GLN A 159 -4.17 -2.74 26.39
CA GLN A 159 -4.92 -3.85 25.80
C GLN A 159 -6.42 -3.66 25.97
N ALA A 160 -6.86 -3.29 27.18
CA ALA A 160 -8.27 -3.01 27.44
C ALA A 160 -8.76 -1.80 26.65
N PHE A 161 -7.91 -0.78 26.57
CA PHE A 161 -8.21 0.45 25.83
C PHE A 161 -8.48 0.16 24.36
N VAL A 162 -7.66 -0.69 23.76
CA VAL A 162 -7.75 -0.99 22.33
C VAL A 162 -9.00 -1.81 22.02
N LYS A 163 -9.32 -2.80 22.85
CA LYS A 163 -10.52 -3.61 22.65
C LYS A 163 -11.79 -2.77 22.76
N LYS A 164 -11.80 -1.89 23.75
CA LYS A 164 -12.91 -0.95 23.95
C LYS A 164 -13.11 -0.11 22.69
N LYS A 165 -12.01 0.41 22.13
CA LYS A 165 -12.07 1.26 20.94
C LYS A 165 -12.56 0.54 19.69
N MET A 166 -12.00 -0.64 19.43
CA MET A 166 -12.38 -1.42 18.24
C MET A 166 -13.87 -1.77 18.26
N SER A 167 -14.43 -1.93 19.46
CA SER A 167 -15.87 -2.21 19.63
C SER A 167 -16.78 -1.00 19.36
N SER A 168 -16.23 0.21 19.50
CA SER A 168 -16.97 1.45 19.29
C SER A 168 -17.54 1.57 17.87
N SER A 169 -18.69 2.22 17.77
CA SER A 169 -19.35 2.48 16.49
C SER A 169 -18.57 3.46 15.63
N VAL A 170 -17.77 4.30 16.27
CA VAL A 170 -17.01 5.33 15.56
C VAL A 170 -15.93 4.71 14.67
N VAL A 171 -15.04 3.92 15.27
CA VAL A 171 -14.03 3.21 14.49
C VAL A 171 -14.76 2.05 13.81
N ARG A 172 -14.56 1.89 12.50
CA ARG A 172 -15.25 0.84 11.75
C ARG A 172 -14.95 -0.50 12.42
N ARG A 173 -13.83 -1.11 12.05
CA ARG A 173 -13.08 -1.92 12.99
C ARG A 173 -11.63 -1.56 12.75
N LEU A 174 -11.40 -0.28 12.44
CA LEU A 174 -10.07 0.23 12.16
C LEU A 174 -9.16 0.03 13.34
N GLY A 175 -8.28 -0.96 13.23
CA GLY A 175 -7.17 -1.10 14.14
C GLY A 175 -6.09 -0.11 13.79
N ILE A 176 -5.25 0.19 14.78
CA ILE A 176 -4.15 1.12 14.60
C ILE A 176 -3.19 0.67 13.50
N PRO A 177 -2.86 -0.63 13.44
CA PRO A 177 -1.98 -1.07 12.35
C PRO A 177 -2.57 -0.76 10.98
N GLU A 178 -3.85 -1.04 10.80
CA GLU A 178 -4.55 -0.80 9.54
C GLU A 178 -4.55 0.69 9.20
N CYS A 179 -4.85 1.53 10.19
CA CYS A 179 -4.79 2.98 10.01
C CYS A 179 -3.45 3.43 9.46
N ILE A 180 -2.38 3.06 10.15
CA ILE A 180 -1.03 3.45 9.76
C ILE A 180 -0.73 3.01 8.33
N LEU A 181 -1.08 1.77 8.03
CA LEU A 181 -0.88 1.20 6.70
C LEU A 181 -1.63 1.99 5.62
N LEU A 182 -2.89 2.35 5.90
CA LEU A 182 -3.70 3.10 4.95
C LEU A 182 -3.09 4.47 4.66
N VAL A 183 -2.69 5.16 5.72
CA VAL A 183 -2.07 6.47 5.60
C VAL A 183 -0.76 6.39 4.80
N THR A 184 0.06 5.38 5.09
CA THR A 184 1.31 5.17 4.35
C THR A 184 1.08 4.99 2.84
N GLN A 185 0.11 4.16 2.47
CA GLN A 185 -0.22 3.92 1.05
C GLN A 185 -0.68 5.15 0.29
N ARG A 186 -1.38 6.05 0.98
CA ARG A 186 -2.21 7.06 0.30
C ARG A 186 -1.51 7.83 -0.80
N ILE A 187 -0.31 8.33 -0.49
CA ILE A 187 0.40 9.19 -1.43
C ILE A 187 0.68 8.51 -2.78
N THR A 188 0.77 7.19 -2.78
CA THR A 188 1.03 6.40 -3.99
C THR A 188 -0.24 6.15 -4.81
N LYS A 189 -1.39 6.49 -4.26
CA LYS A 189 -2.67 6.36 -4.97
C LYS A 189 -2.89 7.49 -6.00
N TYR A 190 -2.31 8.66 -5.75
CA TYR A 190 -2.59 9.84 -6.57
C TYR A 190 -2.17 9.70 -8.03
N PRO A 191 -0.96 9.17 -8.30
CA PRO A 191 -0.57 9.00 -9.71
C PRO A 191 -1.61 8.22 -10.52
N VAL A 192 -2.17 7.18 -9.90
CA VAL A 192 -3.13 6.32 -10.59
C VAL A 192 -4.42 7.09 -10.85
N LEU A 193 -4.94 7.78 -9.84
CA LEU A 193 -6.18 8.54 -9.97
C LEU A 193 -6.03 9.69 -10.96
N PHE A 194 -4.90 10.38 -10.89
CA PHE A 194 -4.63 11.51 -11.77
C PHE A 194 -4.50 11.06 -13.22
N GLN A 195 -3.82 9.95 -13.44
CA GLN A 195 -3.59 9.43 -14.78
C GLN A 195 -4.87 8.91 -15.43
N ARG A 196 -5.78 8.40 -14.61
CA ARG A 196 -7.08 7.96 -15.10
C ARG A 196 -7.92 9.17 -15.56
N ILE A 197 -7.81 10.30 -14.84
CA ILE A 197 -8.51 11.52 -15.23
C ILE A 197 -7.94 12.07 -16.54
N LEU A 198 -6.62 12.06 -16.65
CA LEU A 198 -5.92 12.56 -17.85
C LEU A 198 -6.35 11.81 -19.10
N GLN A 199 -6.41 10.49 -19.03
CA GLN A 199 -6.76 9.68 -20.20
C GLN A 199 -8.25 9.74 -20.54
N CYS A 200 -9.07 10.20 -19.59
CA CYS A 200 -10.48 10.49 -19.86
C CYS A 200 -10.70 11.87 -20.48
N THR A 201 -9.76 12.78 -20.25
CA THR A 201 -9.86 14.16 -20.74
C THR A 201 -9.56 14.26 -22.24
N LYS A 202 -10.56 14.60 -23.03
CA LYS A 202 -10.39 14.82 -24.47
C LYS A 202 -10.71 16.28 -24.83
N ASP A 203 -10.10 16.78 -25.90
CA ASP A 203 -10.39 18.11 -26.46
C ASP A 203 -10.40 19.25 -25.44
N ASN A 204 -9.39 19.27 -24.56
CA ASN A 204 -9.22 20.34 -23.58
C ASN A 204 -7.74 20.52 -23.28
N GLU A 205 -7.11 21.56 -23.85
CA GLU A 205 -5.65 21.68 -23.78
C GLU A 205 -5.12 22.09 -22.40
N VAL A 206 -5.75 23.08 -21.78
CA VAL A 206 -5.31 23.58 -20.47
C VAL A 206 -5.30 22.46 -19.43
N GLU A 207 -6.41 21.73 -19.38
CA GLU A 207 -6.61 20.65 -18.42
C GLU A 207 -5.63 19.50 -18.65
N GLN A 208 -5.50 19.08 -19.91
CA GLN A 208 -4.57 18.03 -20.29
C GLN A 208 -3.14 18.35 -19.87
N GLU A 209 -2.75 19.61 -20.06
CA GLU A 209 -1.41 20.06 -19.66
C GLU A 209 -1.24 20.01 -18.14
N ASP A 210 -2.19 20.60 -17.41
CA ASP A 210 -2.14 20.61 -15.95
C ASP A 210 -2.15 19.21 -15.35
N LEU A 211 -2.97 18.33 -15.89
CA LEU A 211 -3.01 16.95 -15.41
C LEU A 211 -1.67 16.25 -15.64
N ALA A 212 -1.09 16.42 -16.84
CA ALA A 212 0.23 15.85 -17.13
C ALA A 212 1.27 16.40 -16.15
N GLN A 213 1.17 17.68 -15.84
CA GLN A 213 2.06 18.32 -14.88
C GLN A 213 1.90 17.74 -13.47
N SER A 214 0.66 17.70 -12.98
CA SER A 214 0.37 17.17 -11.66
C SER A 214 0.88 15.74 -11.49
N LEU A 215 0.82 14.96 -12.58
CA LEU A 215 1.23 13.57 -12.58
C LEU A 215 2.75 13.46 -12.42
N SER A 216 3.46 14.33 -13.13
CA SER A 216 4.90 14.45 -13.00
C SER A 216 5.30 14.97 -11.62
N LEU A 217 4.52 15.92 -11.10
CA LEU A 217 4.80 16.54 -9.81
C LEU A 217 4.64 15.57 -8.64
N VAL A 218 3.59 14.76 -8.68
CA VAL A 218 3.32 13.84 -7.57
C VAL A 218 4.34 12.71 -7.53
N LYS A 219 4.91 12.37 -8.69
CA LYS A 219 6.01 11.40 -8.75
C LYS A 219 7.29 11.93 -8.13
N ASP A 220 7.53 13.23 -8.24
CA ASP A 220 8.69 13.84 -7.56
C ASP A 220 8.54 13.75 -6.05
N VAL A 221 7.33 14.02 -5.56
CA VAL A 221 7.07 13.92 -4.12
C VAL A 221 7.34 12.50 -3.64
N ILE A 222 6.79 11.52 -4.37
CA ILE A 222 6.94 10.12 -4.00
C ILE A 222 8.41 9.71 -3.99
N GLY A 223 9.15 10.15 -5.00
CA GLY A 223 10.59 9.93 -5.05
C GLY A 223 11.26 10.45 -3.79
N ALA A 224 11.00 11.71 -3.46
CA ALA A 224 11.59 12.36 -2.28
C ALA A 224 11.26 11.61 -1.01
N VAL A 225 10.00 11.18 -0.88
CA VAL A 225 9.56 10.40 0.28
C VAL A 225 10.31 9.07 0.37
N ASP A 226 10.52 8.42 -0.78
CA ASP A 226 11.24 7.14 -0.83
C ASP A 226 12.71 7.27 -0.43
N SER A 227 13.36 8.36 -0.83
CA SER A 227 14.72 8.65 -0.38
C SER A 227 14.76 8.82 1.13
N LYS A 228 13.79 9.57 1.67
CA LYS A 228 13.74 9.83 3.10
C LYS A 228 13.53 8.53 3.86
N VAL A 229 12.62 7.69 3.37
CA VAL A 229 12.34 6.41 4.04
C VAL A 229 13.57 5.51 4.05
N ALA A 230 14.20 5.35 2.88
CA ALA A 230 15.42 4.56 2.73
C ALA A 230 16.54 4.98 3.69
N SER A 231 16.73 6.29 3.82
CA SER A 231 17.76 6.84 4.70
C SER A 231 17.42 6.60 6.17
N TYR A 232 16.16 6.80 6.53
CA TYR A 232 15.71 6.51 7.89
C TYR A 232 16.07 5.09 8.29
N GLU A 233 15.63 4.13 7.49
CA GLU A 233 15.83 2.71 7.79
C GLU A 233 17.31 2.34 7.91
N LYS A 234 18.14 2.88 7.02
CA LYS A 234 19.61 2.70 7.12
C LYS A 234 20.15 3.26 8.43
N LYS A 235 19.60 4.39 8.89
CA LYS A 235 20.01 4.98 10.17
C LYS A 235 19.49 4.17 11.37
N VAL A 236 18.26 3.66 11.28
CA VAL A 236 17.69 2.84 12.35
C VAL A 236 18.53 1.56 12.53
N ARG A 237 19.26 1.17 11.48
CA ARG A 237 20.38 0.24 11.62
C ARG A 237 21.73 0.92 11.35
N GLU B 1 8.50 -27.77 6.02
CA GLU B 1 9.04 -27.91 4.64
C GLU B 1 9.46 -26.55 4.07
N ASN B 2 9.75 -26.54 2.76
CA ASN B 2 9.88 -25.35 1.91
C ASN B 2 10.14 -23.98 2.57
N LEU B 3 9.24 -23.48 3.43
CA LEU B 3 9.38 -22.15 4.02
C LEU B 3 10.57 -22.04 5.00
N TYR B 4 10.75 -23.04 5.84
CA TYR B 4 11.91 -23.07 6.72
C TYR B 4 13.22 -23.05 5.94
N PHE B 5 13.26 -23.81 4.84
CA PHE B 5 14.42 -23.85 3.96
C PHE B 5 14.63 -22.49 3.32
N GLN B 6 13.53 -21.89 2.88
CA GLN B 6 13.55 -20.52 2.36
C GLN B 6 14.08 -19.52 3.40
N SER B 7 13.63 -19.66 4.66
CA SER B 7 14.09 -18.76 5.72
C SER B 7 15.57 -18.96 6.04
N MET B 8 16.05 -20.20 6.01
CA MET B 8 17.48 -20.48 6.24
C MET B 8 18.35 -19.90 5.12
N GLU B 9 17.86 -19.96 3.89
CA GLU B 9 18.56 -19.34 2.76
C GLU B 9 18.58 -17.81 2.87
N ALA B 10 17.50 -17.24 3.40
CA ALA B 10 17.44 -15.81 3.69
C ALA B 10 18.36 -15.42 4.84
N GLU B 11 18.30 -16.17 5.95
CA GLU B 11 19.15 -15.90 7.11
C GLU B 11 20.62 -16.00 6.73
N SER B 12 20.93 -16.92 5.83
CA SER B 12 22.30 -17.09 5.34
C SER B 12 22.74 -15.88 4.54
N TRP B 13 21.89 -15.42 3.63
CA TRP B 13 22.13 -14.21 2.84
C TRP B 13 22.44 -13.01 3.74
N SER B 14 21.65 -12.82 4.77
CA SER B 14 21.81 -11.67 5.66
C SER B 14 23.11 -11.69 6.46
N ARG B 15 23.65 -12.87 6.74
CA ARG B 15 24.96 -12.98 7.43
C ARG B 15 26.06 -12.28 6.67
N ILE B 16 25.94 -12.27 5.34
CA ILE B 16 26.94 -11.67 4.46
C ILE B 16 26.83 -10.13 4.36
N ILE B 17 25.66 -9.58 4.66
CA ILE B 17 25.51 -8.13 4.77
C ILE B 17 26.26 -7.56 5.99
N ASP B 18 26.26 -8.30 7.09
CA ASP B 18 27.01 -7.89 8.29
C ASP B 18 28.51 -8.19 8.19
N SER B 19 28.90 -9.01 7.21
CA SER B 19 30.25 -9.58 7.13
C SER B 19 31.36 -8.54 6.88
N LYS B 20 32.59 -8.94 7.23
CA LYS B 20 33.79 -8.14 6.97
C LYS B 20 34.16 -8.23 5.50
N PHE B 21 33.85 -9.35 4.87
CA PHE B 21 34.07 -9.54 3.43
C PHE B 21 33.42 -8.43 2.60
N LEU B 22 32.13 -8.21 2.84
CA LEU B 22 31.38 -7.19 2.13
C LEU B 22 31.87 -5.80 2.52
N LYS B 23 32.09 -5.60 3.82
CA LYS B 23 32.68 -4.35 4.33
C LYS B 23 34.02 -4.01 3.66
N GLN B 24 34.68 -5.03 3.12
CA GLN B 24 35.97 -4.85 2.44
C GLN B 24 35.82 -4.49 0.96
N GLN B 25 34.59 -4.28 0.47
CA GLN B 25 34.38 -3.97 -0.95
C GLN B 25 34.26 -2.47 -1.16
N LYS B 26 34.21 -2.04 -2.43
CA LYS B 26 34.02 -0.62 -2.76
C LYS B 26 32.61 -0.14 -2.36
N LYS B 27 32.47 1.16 -2.15
CA LYS B 27 31.21 1.75 -1.65
C LYS B 27 30.02 1.44 -2.53
N ASP B 28 30.20 1.60 -3.85
CA ASP B 28 29.12 1.37 -4.82
C ASP B 28 28.68 -0.10 -4.87
N VAL B 29 29.61 -1.02 -4.61
CA VAL B 29 29.31 -2.45 -4.58
C VAL B 29 28.55 -2.80 -3.30
N VAL B 30 29.04 -2.30 -2.17
CA VAL B 30 28.37 -2.49 -0.87
C VAL B 30 26.91 -2.02 -0.95
N LYS B 31 26.70 -0.86 -1.57
CA LYS B 31 25.37 -0.28 -1.69
C LYS B 31 24.48 -1.13 -2.60
N ARG B 32 25.03 -1.57 -3.73
CA ARG B 32 24.28 -2.41 -4.67
C ARG B 32 23.88 -3.75 -4.07
N GLN B 33 24.81 -4.40 -3.37
CA GLN B 33 24.52 -5.68 -2.69
C GLN B 33 23.51 -5.50 -1.56
N GLU B 34 23.51 -4.32 -0.94
CA GLU B 34 22.59 -4.00 0.16
C GLU B 34 21.16 -3.82 -0.33
N VAL B 35 20.99 -3.25 -1.52
CA VAL B 35 19.65 -3.06 -2.10
C VAL B 35 19.09 -4.38 -2.65
N ILE B 36 19.97 -5.21 -3.22
CA ILE B 36 19.56 -6.53 -3.73
C ILE B 36 19.15 -7.42 -2.56
N TYR B 37 19.86 -7.30 -1.45
CA TYR B 37 19.44 -7.95 -0.21
C TYR B 37 18.01 -7.58 0.16
N GLU B 38 17.74 -6.28 0.17
CA GLU B 38 16.42 -5.75 0.56
C GLU B 38 15.29 -6.34 -0.28
N LEU B 39 15.50 -6.44 -1.59
CA LEU B 39 14.53 -7.08 -2.47
C LEU B 39 14.25 -8.52 -2.05
N MET B 40 15.30 -9.27 -1.72
CA MET B 40 15.17 -10.67 -1.32
C MET B 40 14.46 -10.80 0.01
N GLN B 41 14.99 -10.13 1.03
CA GLN B 41 14.42 -10.15 2.36
C GLN B 41 12.92 -9.78 2.37
N THR B 42 12.52 -8.76 1.62
CA THR B 42 11.11 -8.34 1.61
C THR B 42 10.25 -9.28 0.79
N GLU B 43 10.85 -9.99 -0.17
CA GLU B 43 10.14 -11.01 -0.94
C GLU B 43 9.91 -12.23 -0.05
N PHE B 44 10.86 -12.53 0.83
CA PHE B 44 10.69 -13.59 1.81
C PHE B 44 9.55 -13.29 2.78
N HIS B 45 9.47 -12.05 3.25
CA HIS B 45 8.40 -11.64 4.15
C HIS B 45 7.06 -11.68 3.48
N HIS B 46 7.01 -11.30 2.21
CA HIS B 46 5.78 -11.41 1.42
C HIS B 46 5.33 -12.86 1.33
N VAL B 47 6.26 -13.75 0.99
CA VAL B 47 5.96 -15.17 0.94
C VAL B 47 5.52 -15.70 2.32
N ARG B 48 6.17 -15.23 3.38
CA ARG B 48 5.79 -15.62 4.73
C ARG B 48 4.37 -15.16 5.07
N THR B 49 4.06 -13.91 4.74
CA THR B 49 2.72 -13.36 4.94
C THR B 49 1.66 -14.18 4.20
N LEU B 50 1.94 -14.53 2.95
CA LEU B 50 0.99 -15.32 2.16
C LEU B 50 0.76 -16.69 2.77
N LYS B 51 1.83 -17.33 3.22
CA LYS B 51 1.72 -18.70 3.75
C LYS B 51 1.11 -18.74 5.14
N ILE B 52 1.27 -17.65 5.91
CA ILE B 52 0.51 -17.48 7.15
C ILE B 52 -0.98 -17.33 6.85
N MET B 53 -1.32 -16.50 5.86
CA MET B 53 -2.71 -16.35 5.44
C MET B 53 -3.31 -17.68 5.06
N SER B 54 -2.56 -18.48 4.32
CA SER B 54 -3.06 -19.74 3.82
C SER B 54 -3.03 -20.82 4.91
N GLY B 55 -1.87 -21.03 5.52
CA GLY B 55 -1.67 -22.13 6.44
C GLY B 55 -2.31 -21.98 7.79
N VAL B 56 -2.46 -20.75 8.27
CA VAL B 56 -3.02 -20.49 9.59
C VAL B 56 -4.49 -20.09 9.50
N TYR B 57 -4.76 -18.96 8.84
CA TYR B 57 -6.12 -18.39 8.81
C TYR B 57 -7.05 -19.16 7.89
N SER B 58 -6.65 -19.28 6.63
CA SER B 58 -7.46 -19.93 5.61
C SER B 58 -7.72 -21.40 5.94
N GLN B 59 -6.67 -22.16 6.23
CA GLN B 59 -6.83 -23.57 6.56
C GLN B 59 -7.60 -23.75 7.86
N GLY B 60 -7.41 -22.81 8.80
CA GLY B 60 -8.09 -22.85 10.09
C GLY B 60 -9.58 -22.64 9.98
N MET B 61 -9.99 -21.72 9.11
CA MET B 61 -11.41 -21.47 8.89
C MET B 61 -12.11 -22.70 8.38
N MET B 62 -11.52 -23.36 7.40
CA MET B 62 -12.10 -24.56 6.82
C MET B 62 -12.12 -25.71 7.83
N ALA B 63 -11.02 -25.88 8.55
CA ALA B 63 -10.87 -27.00 9.49
C ALA B 63 -11.71 -26.83 10.75
N ASP B 64 -11.68 -25.64 11.34
CA ASP B 64 -12.33 -25.39 12.63
C ASP B 64 -13.75 -24.87 12.47
N LEU B 65 -13.93 -23.88 11.61
CA LEU B 65 -15.22 -23.20 11.46
C LEU B 65 -16.08 -23.76 10.33
N LEU B 66 -15.57 -24.73 9.59
CA LEU B 66 -16.31 -25.40 8.51
C LEU B 66 -16.70 -24.46 7.37
N PHE B 67 -15.83 -23.49 7.09
CA PHE B 67 -16.01 -22.64 5.91
C PHE B 67 -15.85 -23.50 4.67
N GLU B 68 -16.56 -23.15 3.60
CA GLU B 68 -16.39 -23.85 2.33
C GLU B 68 -15.16 -23.31 1.62
N GLN B 69 -14.76 -24.00 0.55
CA GLN B 69 -13.66 -23.54 -0.29
C GLN B 69 -13.98 -22.18 -0.91
N GLN B 70 -15.26 -21.87 -1.09
CA GLN B 70 -15.68 -20.66 -1.80
C GLN B 70 -15.71 -19.43 -0.90
N MET B 71 -16.17 -19.58 0.34
CA MET B 71 -16.16 -18.48 1.33
C MET B 71 -14.72 -17.99 1.58
N VAL B 72 -13.77 -18.91 1.50
CA VAL B 72 -12.36 -18.62 1.67
C VAL B 72 -11.77 -17.92 0.44
N GLU B 73 -12.22 -18.29 -0.76
CA GLU B 73 -11.85 -17.59 -1.98
C GLU B 73 -12.40 -16.14 -1.98
N LYS B 74 -13.51 -15.92 -1.28
CA LYS B 74 -14.03 -14.58 -1.08
C LYS B 74 -13.07 -13.73 -0.25
N LEU B 75 -12.60 -14.26 0.88
CA LEU B 75 -11.61 -13.53 1.70
C LEU B 75 -10.26 -13.41 1.00
N PHE B 76 -9.75 -14.53 0.48
CA PHE B 76 -8.38 -14.62 -0.03
C PHE B 76 -8.31 -15.13 -1.48
N PRO B 77 -8.72 -14.29 -2.44
CA PRO B 77 -8.74 -14.76 -3.82
C PRO B 77 -7.35 -14.98 -4.41
N CYS B 78 -7.19 -16.09 -5.13
CA CYS B 78 -5.94 -16.44 -5.83
C CYS B 78 -4.75 -16.66 -4.90
N LEU B 79 -5.02 -17.07 -3.66
CA LEU B 79 -3.96 -17.20 -2.67
C LEU B 79 -2.97 -18.30 -3.02
N ASP B 80 -3.48 -19.45 -3.46
CA ASP B 80 -2.61 -20.55 -3.88
C ASP B 80 -1.71 -20.11 -5.04
N GLU B 81 -2.29 -19.40 -6.00
CA GLU B 81 -1.55 -18.86 -7.13
C GLU B 81 -0.43 -17.90 -6.68
N LEU B 82 -0.78 -16.94 -5.84
CA LEU B 82 0.20 -15.96 -5.34
C LEU B 82 1.37 -16.66 -4.66
N ILE B 83 1.06 -17.66 -3.82
CA ILE B 83 2.09 -18.43 -3.14
C ILE B 83 3.02 -19.12 -4.14
N SER B 84 2.43 -19.71 -5.18
CA SER B 84 3.20 -20.35 -6.24
C SER B 84 4.11 -19.35 -6.93
N ILE B 85 3.56 -18.19 -7.29
CA ILE B 85 4.30 -17.19 -8.04
C ILE B 85 5.51 -16.69 -7.25
N HIS B 86 5.26 -16.25 -6.02
CA HIS B 86 6.29 -15.56 -5.25
C HIS B 86 7.32 -16.51 -4.64
N SER B 87 6.93 -17.74 -4.33
CA SER B 87 7.89 -18.76 -3.93
C SER B 87 8.84 -19.05 -5.08
N GLN B 88 8.28 -19.15 -6.29
CA GLN B 88 9.07 -19.44 -7.49
C GLN B 88 9.96 -18.26 -7.81
N PHE B 89 9.42 -17.05 -7.71
CA PHE B 89 10.21 -15.86 -7.92
C PHE B 89 11.36 -15.82 -6.92
N PHE B 90 11.03 -16.11 -5.67
CA PHE B 90 12.01 -16.14 -4.60
C PHE B 90 13.08 -17.22 -4.80
N GLN B 91 12.68 -18.36 -5.38
CA GLN B 91 13.65 -19.40 -5.72
C GLN B 91 14.66 -18.94 -6.76
N ARG B 92 14.16 -18.37 -7.84
CA ARG B 92 15.01 -17.83 -8.90
C ARG B 92 16.07 -16.90 -8.35
N ILE B 93 15.71 -16.10 -7.35
CA ILE B 93 16.63 -15.16 -6.73
C ILE B 93 17.72 -15.90 -5.97
N LEU B 94 17.33 -16.95 -5.23
CA LEU B 94 18.28 -17.77 -4.50
C LEU B 94 19.18 -18.55 -5.44
N GLU B 95 18.58 -19.17 -6.47
CA GLU B 95 19.34 -19.83 -7.52
C GLU B 95 20.43 -18.92 -8.10
N ARG B 96 20.16 -17.62 -8.18
CA ARG B 96 21.16 -16.67 -8.65
C ARG B 96 22.26 -16.42 -7.61
N LYS B 97 21.92 -16.41 -6.32
CA LYS B 97 22.92 -16.31 -5.27
C LYS B 97 23.88 -17.50 -5.30
N LYS B 98 23.32 -18.69 -5.48
CA LYS B 98 24.10 -19.93 -5.51
C LYS B 98 25.12 -19.98 -6.66
N GLU B 99 24.89 -19.23 -7.73
CA GLU B 99 25.84 -19.16 -8.85
C GLU B 99 26.65 -17.85 -8.85
N SER B 100 26.67 -17.14 -7.72
CA SER B 100 27.41 -15.90 -7.60
C SER B 100 28.48 -15.95 -6.50
N LEU B 101 28.95 -17.14 -6.16
CA LEU B 101 30.06 -17.27 -5.22
C LEU B 101 31.35 -16.71 -5.83
N VAL B 102 32.24 -16.24 -4.95
CA VAL B 102 33.50 -15.63 -5.36
C VAL B 102 34.68 -16.51 -4.96
N ASP B 103 35.75 -16.49 -5.76
CA ASP B 103 37.03 -17.09 -5.39
C ASP B 103 36.94 -18.57 -5.00
N LYS B 104 36.00 -19.29 -5.61
CA LYS B 104 35.69 -20.65 -5.22
C LYS B 104 35.45 -20.75 -3.71
N SER B 105 34.80 -19.73 -3.15
CA SER B 105 34.58 -19.63 -1.71
C SER B 105 33.35 -20.44 -1.35
N GLU B 106 33.34 -20.97 -0.13
CA GLU B 106 32.16 -21.63 0.40
C GLU B 106 31.05 -20.60 0.68
N LYS B 107 31.40 -19.46 1.26
CA LYS B 107 30.40 -18.60 1.90
C LYS B 107 30.25 -17.16 1.37
N ASN B 108 31.24 -16.63 0.64
CA ASN B 108 31.19 -15.23 0.16
C ASN B 108 30.77 -15.14 -1.30
N PHE B 109 29.68 -14.41 -1.53
CA PHE B 109 29.11 -14.23 -2.85
C PHE B 109 28.90 -12.75 -3.13
N LEU B 110 28.61 -12.46 -4.39
CA LEU B 110 28.44 -11.08 -4.84
C LEU B 110 27.57 -11.10 -6.10
N ILE B 111 26.31 -10.69 -5.98
CA ILE B 111 25.39 -10.72 -7.12
C ILE B 111 25.75 -9.60 -8.08
N LYS B 112 26.35 -9.97 -9.20
CA LYS B 112 26.72 -9.01 -10.24
C LYS B 112 25.63 -8.87 -11.28
N ARG B 113 24.62 -9.73 -11.20
CA ARG B 113 23.63 -9.82 -12.26
C ARG B 113 22.30 -10.40 -11.75
N ILE B 114 21.29 -9.52 -11.62
CA ILE B 114 19.94 -9.90 -11.22
C ILE B 114 18.83 -9.38 -12.17
N GLY B 115 19.21 -8.64 -13.21
CA GLY B 115 18.23 -8.02 -14.09
C GLY B 115 17.46 -9.00 -14.94
N ASP B 116 18.15 -10.01 -15.48
CA ASP B 116 17.52 -11.09 -16.23
C ASP B 116 16.43 -11.82 -15.43
N VAL B 117 16.65 -11.99 -14.13
CA VAL B 117 15.69 -12.68 -13.27
C VAL B 117 14.42 -11.85 -13.11
N LEU B 118 14.58 -10.53 -13.01
CA LEU B 118 13.46 -9.61 -12.86
C LEU B 118 12.69 -9.46 -14.17
N VAL B 119 13.41 -9.34 -15.28
CA VAL B 119 12.77 -9.25 -16.60
C VAL B 119 11.95 -10.51 -16.87
N ASN B 120 12.54 -11.67 -16.63
CA ASN B 120 11.85 -12.96 -16.82
C ASN B 120 10.54 -13.00 -16.03
N GLN B 121 10.59 -12.56 -14.78
CA GLN B 121 9.42 -12.60 -13.89
C GLN B 121 8.29 -11.65 -14.31
N PHE B 122 8.63 -10.51 -14.91
CA PHE B 122 7.63 -9.52 -15.27
C PHE B 122 7.43 -9.38 -16.78
N SER B 123 7.63 -10.46 -17.52
CA SER B 123 7.32 -10.46 -18.95
C SER B 123 6.57 -11.72 -19.35
N GLY B 124 6.08 -11.72 -20.58
CA GLY B 124 5.33 -12.85 -21.12
C GLY B 124 4.21 -13.33 -20.22
N GLU B 125 4.09 -14.64 -20.09
CA GLU B 125 2.99 -15.25 -19.36
C GLU B 125 3.14 -15.11 -17.85
N ASN B 126 4.35 -14.81 -17.38
CA ASN B 126 4.55 -14.52 -15.96
C ASN B 126 3.89 -13.21 -15.59
N ALA B 127 4.07 -12.21 -16.45
CA ALA B 127 3.43 -10.91 -16.29
C ALA B 127 1.91 -11.03 -16.37
N GLU B 128 1.41 -11.84 -17.30
CA GLU B 128 -0.04 -12.03 -17.45
C GLU B 128 -0.66 -12.74 -16.25
N ARG B 129 0.12 -13.60 -15.62
CA ARG B 129 -0.34 -14.31 -14.44
C ARG B 129 -0.44 -13.33 -13.25
N LEU B 130 0.53 -12.44 -13.13
CA LEU B 130 0.52 -11.42 -12.08
C LEU B 130 -0.65 -10.44 -12.24
N LYS B 131 -0.89 -10.02 -13.48
CA LYS B 131 -1.96 -9.09 -13.77
C LYS B 131 -3.31 -9.64 -13.31
N LYS B 132 -3.62 -10.86 -13.73
CA LYS B 132 -4.86 -11.51 -13.37
C LYS B 132 -4.93 -11.80 -11.87
N THR B 133 -3.82 -12.24 -11.31
CA THR B 133 -3.77 -12.61 -9.89
C THR B 133 -4.05 -11.41 -8.98
N TYR B 134 -3.30 -10.33 -9.17
CA TYR B 134 -3.43 -9.14 -8.33
C TYR B 134 -4.65 -8.33 -8.66
N GLY B 135 -4.96 -8.20 -9.95
CA GLY B 135 -6.18 -7.53 -10.36
C GLY B 135 -7.36 -8.07 -9.59
N LYS B 136 -7.37 -9.38 -9.39
CA LYS B 136 -8.46 -10.04 -8.66
C LYS B 136 -8.34 -9.77 -7.16
N PHE B 137 -7.16 -10.02 -6.59
CA PHE B 137 -6.94 -9.81 -5.16
C PHE B 137 -7.11 -8.36 -4.76
N CYS B 138 -6.54 -7.45 -5.55
CA CYS B 138 -6.66 -6.02 -5.30
C CYS B 138 -8.07 -5.47 -5.59
N GLY B 139 -8.85 -6.17 -6.40
CA GLY B 139 -10.23 -5.75 -6.68
C GLY B 139 -11.19 -6.17 -5.59
N GLN B 140 -11.05 -7.42 -5.15
CA GLN B 140 -11.82 -8.01 -4.05
C GLN B 140 -11.25 -7.55 -2.70
N HIS B 141 -10.06 -6.97 -2.74
CA HIS B 141 -9.42 -6.27 -1.62
C HIS B 141 -10.39 -5.72 -0.55
N ASN B 142 -11.11 -4.64 -0.86
CA ASN B 142 -11.93 -3.95 0.14
C ASN B 142 -13.16 -4.71 0.61
N GLN B 143 -13.71 -5.53 -0.26
CA GLN B 143 -14.86 -6.36 0.11
C GLN B 143 -14.47 -7.39 1.17
N SER B 144 -13.28 -7.96 1.04
CA SER B 144 -12.82 -9.00 1.95
C SER B 144 -12.54 -8.48 3.34
N VAL B 145 -11.93 -7.30 3.43
CA VAL B 145 -11.69 -6.67 4.72
C VAL B 145 -13.03 -6.37 5.42
N ASN B 146 -13.98 -5.82 4.68
CA ASN B 146 -15.32 -5.56 5.21
C ASN B 146 -16.02 -6.85 5.62
N TYR B 147 -15.90 -7.86 4.76
CA TYR B 147 -16.43 -9.18 5.06
C TYR B 147 -15.84 -9.77 6.35
N PHE B 148 -14.52 -9.58 6.53
CA PHE B 148 -13.86 -10.00 7.78
C PHE B 148 -14.45 -9.27 8.98
N LYS B 149 -14.54 -7.94 8.87
CA LYS B 149 -15.07 -7.11 9.96
C LYS B 149 -16.54 -7.39 10.25
N ASP B 150 -17.31 -7.66 9.20
CA ASP B 150 -18.70 -8.06 9.36
C ASP B 150 -18.79 -9.35 10.18
N LEU B 151 -17.97 -10.34 9.82
CA LEU B 151 -17.95 -11.63 10.53
C LEU B 151 -17.51 -11.52 12.00
N TYR B 152 -16.52 -10.66 12.26
CA TYR B 152 -16.01 -10.49 13.63
C TYR B 152 -17.06 -9.92 14.58
N ALA B 153 -17.80 -8.93 14.09
CA ALA B 153 -18.84 -8.27 14.88
C ALA B 153 -20.07 -9.17 15.11
N LYS B 154 -20.34 -10.07 14.16
CA LYS B 154 -21.57 -10.87 14.16
C LYS B 154 -21.34 -12.26 14.75
N ASP B 155 -20.52 -13.07 14.09
CA ASP B 155 -20.28 -14.46 14.47
C ASP B 155 -19.31 -14.55 15.66
N LYS B 156 -19.81 -15.01 16.81
CA LYS B 156 -18.99 -15.13 18.02
C LYS B 156 -17.96 -16.25 17.90
N ARG B 157 -18.27 -17.26 17.10
CA ARG B 157 -17.38 -18.40 16.90
C ARG B 157 -16.15 -18.00 16.06
N PHE B 158 -16.37 -17.14 15.06
CA PHE B 158 -15.28 -16.54 14.29
C PHE B 158 -14.48 -15.56 15.16
N GLN B 159 -15.18 -14.87 16.05
CA GLN B 159 -14.55 -13.93 16.98
C GLN B 159 -13.55 -14.64 17.90
N ALA B 160 -13.97 -15.78 18.46
CA ALA B 160 -13.08 -16.59 19.31
C ALA B 160 -11.89 -17.14 18.51
N PHE B 161 -12.17 -17.57 17.28
CA PHE B 161 -11.16 -18.11 16.38
C PHE B 161 -10.05 -17.09 16.10
N VAL B 162 -10.45 -15.84 15.84
CA VAL B 162 -9.51 -14.79 15.50
C VAL B 162 -8.61 -14.40 16.68
N LYS B 163 -9.21 -14.28 17.87
CA LYS B 163 -8.45 -13.92 19.08
C LYS B 163 -7.42 -15.00 19.40
N LYS B 164 -7.84 -16.26 19.29
CA LYS B 164 -6.94 -17.40 19.48
C LYS B 164 -5.75 -17.31 18.53
N LYS B 165 -6.01 -17.02 17.26
CA LYS B 165 -4.96 -16.93 16.24
C LYS B 165 -3.98 -15.80 16.47
N MET B 166 -4.49 -14.60 16.74
CA MET B 166 -3.64 -13.43 16.98
C MET B 166 -2.68 -13.65 18.16
N SER B 167 -3.13 -14.44 19.15
CA SER B 167 -2.31 -14.77 20.32
C SER B 167 -1.19 -15.78 20.02
N SER B 168 -1.36 -16.58 18.98
CA SER B 168 -0.38 -17.59 18.57
C SER B 168 0.99 -17.00 18.26
N SER B 169 2.04 -17.77 18.54
CA SER B 169 3.42 -17.40 18.23
C SER B 169 3.70 -17.36 16.74
N VAL B 170 2.91 -18.10 15.96
CA VAL B 170 3.10 -18.19 14.51
C VAL B 170 2.79 -16.86 13.83
N VAL B 171 1.57 -16.37 14.02
CA VAL B 171 1.20 -15.06 13.49
C VAL B 171 1.87 -14.03 14.40
N ARG B 172 2.58 -13.08 13.80
CA ARG B 172 3.31 -12.07 14.56
C ARG B 172 2.31 -11.37 15.52
N ARG B 173 1.63 -10.35 15.04
CA ARG B 173 0.26 -10.09 15.48
C ARG B 173 -0.52 -9.76 14.22
N LEU B 174 -0.15 -10.44 13.13
CA LEU B 174 -0.78 -10.23 11.84
C LEU B 174 -2.26 -10.50 11.90
N GLY B 175 -3.05 -9.43 11.90
CA GLY B 175 -4.48 -9.52 11.68
C GLY B 175 -4.75 -9.71 10.21
N ILE B 176 -5.92 -10.26 9.91
CA ILE B 176 -6.33 -10.48 8.53
C ILE B 176 -6.38 -9.18 7.72
N PRO B 177 -6.89 -8.09 8.32
CA PRO B 177 -6.90 -6.83 7.56
C PRO B 177 -5.49 -6.41 7.16
N GLU B 178 -4.54 -6.51 8.09
CA GLU B 178 -3.14 -6.15 7.82
C GLU B 178 -2.56 -7.02 6.71
N CYS B 179 -2.78 -8.33 6.81
CA CYS B 179 -2.34 -9.27 5.78
C CYS B 179 -2.80 -8.83 4.41
N ILE B 180 -4.10 -8.64 4.26
CA ILE B 180 -4.69 -8.27 2.97
C ILE B 180 -4.04 -7.00 2.46
N LEU B 181 -3.92 -6.02 3.34
CA LEU B 181 -3.33 -4.73 2.99
C LEU B 181 -1.89 -4.89 2.52
N LEU B 182 -1.12 -5.71 3.22
CA LEU B 182 0.29 -5.94 2.86
C LEU B 182 0.41 -6.57 1.49
N VAL B 183 -0.40 -7.59 1.24
CA VAL B 183 -0.41 -8.27 -0.05
C VAL B 183 -0.80 -7.31 -1.17
N THR B 184 -1.82 -6.48 -0.94
CA THR B 184 -2.26 -5.50 -1.93
C THR B 184 -1.14 -4.51 -2.31
N GLN B 185 -0.42 -3.99 -1.31
CA GLN B 185 0.69 -3.06 -1.53
C GLN B 185 1.84 -3.64 -2.34
N ARG B 186 2.10 -4.94 -2.16
CA ARG B 186 3.38 -5.53 -2.55
C ARG B 186 3.83 -5.19 -3.96
N ILE B 187 2.92 -5.34 -4.92
CA ILE B 187 3.28 -5.17 -6.33
C ILE B 187 3.81 -3.77 -6.63
N THR B 188 3.41 -2.78 -5.84
CA THR B 188 3.83 -1.39 -6.01
C THR B 188 5.19 -1.12 -5.38
N LYS B 189 5.71 -2.07 -4.61
CA LYS B 189 7.06 -1.96 -4.01
C LYS B 189 8.18 -2.20 -5.02
N TYR B 190 7.91 -3.01 -6.05
CA TYR B 190 8.95 -3.46 -6.96
C TYR B 190 9.61 -2.33 -7.75
N PRO B 191 8.81 -1.41 -8.31
CA PRO B 191 9.45 -0.29 -9.02
C PRO B 191 10.52 0.43 -8.17
N VAL B 192 10.24 0.62 -6.89
CA VAL B 192 11.15 1.35 -6.01
C VAL B 192 12.41 0.53 -5.77
N LEU B 193 12.25 -0.76 -5.46
CA LEU B 193 13.41 -1.62 -5.20
C LEU B 193 14.26 -1.78 -6.46
N PHE B 194 13.60 -1.96 -7.60
CA PHE B 194 14.29 -2.15 -8.86
C PHE B 194 15.08 -0.91 -9.25
N GLN B 195 14.46 0.25 -9.05
CA GLN B 195 15.07 1.52 -9.44
C GLN B 195 16.27 1.87 -8.54
N ARG B 196 16.22 1.43 -7.30
CA ARG B 196 17.35 1.60 -6.39
C ARG B 196 18.55 0.75 -6.83
N ILE B 197 18.27 -0.46 -7.33
CA ILE B 197 19.33 -1.33 -7.85
C ILE B 197 19.96 -0.73 -9.11
N LEU B 198 19.10 -0.21 -9.99
CA LEU B 198 19.55 0.38 -11.24
C LEU B 198 20.51 1.53 -11.01
N GLN B 199 20.18 2.40 -10.08
CA GLN B 199 20.99 3.60 -9.82
C GLN B 199 22.27 3.27 -9.05
N CYS B 200 22.33 2.09 -8.44
CA CYS B 200 23.57 1.57 -7.85
C CYS B 200 24.48 0.89 -8.88
N THR B 201 23.90 0.40 -9.98
CA THR B 201 24.64 -0.33 -11.00
C THR B 201 25.47 0.57 -11.92
N LYS B 202 26.79 0.43 -11.84
CA LYS B 202 27.72 1.15 -12.71
C LYS B 202 28.53 0.17 -13.57
N ASP B 203 28.96 0.64 -14.75
CA ASP B 203 29.85 -0.11 -15.67
C ASP B 203 29.41 -1.56 -15.95
N ASN B 204 28.12 -1.74 -16.20
CA ASN B 204 27.56 -3.06 -16.51
C ASN B 204 26.36 -2.93 -17.42
N GLU B 205 26.62 -2.94 -18.73
CA GLU B 205 25.62 -2.54 -19.75
C GLU B 205 24.42 -3.48 -19.80
N VAL B 206 24.70 -4.77 -19.77
CA VAL B 206 23.65 -5.79 -19.85
C VAL B 206 22.67 -5.62 -18.71
N GLU B 207 23.21 -5.49 -17.51
CA GLU B 207 22.42 -5.35 -16.29
C GLU B 207 21.62 -4.05 -16.25
N GLN B 208 22.28 -2.94 -16.60
CA GLN B 208 21.63 -1.65 -16.68
C GLN B 208 20.44 -1.66 -17.62
N GLU B 209 20.61 -2.33 -18.77
CA GLU B 209 19.53 -2.46 -19.76
C GLU B 209 18.38 -3.28 -19.18
N ASP B 210 18.70 -4.46 -18.65
CA ASP B 210 17.67 -5.34 -18.09
C ASP B 210 16.93 -4.71 -16.93
N LEU B 211 17.63 -4.00 -16.06
CA LEU B 211 16.99 -3.31 -14.95
C LEU B 211 16.04 -2.23 -15.45
N ALA B 212 16.48 -1.44 -16.42
CA ALA B 212 15.63 -0.41 -17.03
C ALA B 212 14.38 -1.06 -17.63
N GLN B 213 14.57 -2.20 -18.28
CA GLN B 213 13.48 -2.97 -18.86
C GLN B 213 12.49 -3.45 -17.79
N SER B 214 13.01 -4.13 -16.77
CA SER B 214 12.17 -4.65 -15.69
C SER B 214 11.34 -3.56 -15.04
N LEU B 215 11.91 -2.36 -14.95
CA LEU B 215 11.27 -1.23 -14.32
C LEU B 215 10.09 -0.74 -15.15
N SER B 216 10.30 -0.71 -16.47
CA SER B 216 9.24 -0.42 -17.43
C SER B 216 8.18 -1.51 -17.45
N LEU B 217 8.61 -2.76 -17.33
CA LEU B 217 7.72 -3.92 -17.36
C LEU B 217 6.80 -4.00 -16.14
N VAL B 218 7.34 -3.73 -14.97
CA VAL B 218 6.56 -3.83 -13.74
C VAL B 218 5.51 -2.70 -13.65
N LYS B 219 5.81 -1.57 -14.28
CA LYS B 219 4.85 -0.48 -14.40
C LYS B 219 3.68 -0.84 -15.31
N ASP B 220 3.91 -1.65 -16.35
CA ASP B 220 2.82 -2.14 -17.20
C ASP B 220 1.90 -3.05 -16.42
N VAL B 221 2.47 -3.93 -15.61
CA VAL B 221 1.66 -4.82 -14.79
C VAL B 221 0.79 -3.98 -13.84
N ILE B 222 1.39 -3.01 -13.16
CA ILE B 222 0.68 -2.17 -12.21
C ILE B 222 -0.46 -1.43 -12.91
N GLY B 223 -0.19 -0.90 -14.10
CA GLY B 223 -1.21 -0.27 -14.91
C GLY B 223 -2.38 -1.21 -15.16
N ALA B 224 -2.08 -2.41 -15.64
CA ALA B 224 -3.10 -3.41 -15.94
C ALA B 224 -3.92 -3.77 -14.71
N VAL B 225 -3.25 -3.92 -13.57
CA VAL B 225 -3.93 -4.21 -12.31
C VAL B 225 -4.87 -3.08 -11.93
N ASP B 226 -4.44 -1.83 -12.16
CA ASP B 226 -5.26 -0.68 -11.83
C ASP B 226 -6.53 -0.60 -12.69
N SER B 227 -6.42 -0.96 -13.98
CA SER B 227 -7.60 -1.08 -14.85
C SER B 227 -8.57 -2.13 -14.35
N LYS B 228 -8.04 -3.28 -13.95
CA LYS B 228 -8.85 -4.37 -13.46
C LYS B 228 -9.55 -3.96 -12.17
N VAL B 229 -8.84 -3.28 -11.27
CA VAL B 229 -9.43 -2.83 -10.00
C VAL B 229 -10.57 -1.83 -10.25
N ALA B 230 -10.29 -0.83 -11.07
CA ALA B 230 -11.27 0.18 -11.44
C ALA B 230 -12.56 -0.42 -12.00
N SER B 231 -12.42 -1.41 -12.87
CA SER B 231 -13.56 -2.07 -13.50
C SER B 231 -14.36 -2.89 -12.49
N TYR B 232 -13.67 -3.60 -11.60
CA TYR B 232 -14.35 -4.34 -10.52
C TYR B 232 -15.26 -3.40 -9.72
N GLU B 233 -14.66 -2.32 -9.20
CA GLU B 233 -15.37 -1.39 -8.34
C GLU B 233 -16.60 -0.78 -9.02
N LYS B 234 -16.44 -0.40 -10.29
CA LYS B 234 -17.57 0.09 -11.08
C LYS B 234 -18.67 -0.96 -11.20
N LYS B 235 -18.29 -2.23 -11.33
CA LYS B 235 -19.25 -3.33 -11.38
C LYS B 235 -19.91 -3.58 -10.02
N VAL B 236 -19.14 -3.49 -8.94
CA VAL B 236 -19.67 -3.66 -7.59
C VAL B 236 -20.63 -2.54 -7.18
N ARG B 237 -20.45 -1.34 -7.74
CA ARG B 237 -21.28 -0.21 -7.40
C ARG B 237 -22.57 -0.29 -8.20
N LEU B 238 -22.48 -0.67 -9.47
CA LEU B 238 -23.65 -0.92 -10.32
C LEU B 238 -24.48 -2.11 -9.82
N ASN B 239 -23.81 -3.12 -9.25
CA ASN B 239 -24.49 -4.29 -8.68
C ASN B 239 -25.18 -3.97 -7.35
N GLU B 240 -24.39 -3.50 -6.38
CA GLU B 240 -24.92 -3.09 -5.07
C GLU B 240 -25.65 -1.75 -5.16
#